data_5K5C
#
_entry.id   5K5C
#
_cell.length_a   127.318
_cell.length_b   127.318
_cell.length_c   207.387
_cell.angle_alpha   90.00
_cell.angle_beta   90.00
_cell.angle_gamma   90.00
#
_symmetry.space_group_name_H-M   'I 41 2 2'
#
loop_
_entity.id
_entity.type
_entity.pdbx_description
1 polymer 'Alpha,alpha-trehalose-phosphate synthase'
2 branched alpha-D-glucopyranose-(1-1)-alpha-D-glucopyranose
3 non-polymer '2-[N-CYCLOHEXYLAMINO]ETHANE SULFONIC ACID'
4 non-polymer 1,2-ETHANEDIOL
5 water water
#
_entity_poly.entity_id   1
_entity_poly.type   'polypeptide(L)'
_entity_poly.pdbx_seq_one_letter_code
;SMADRGDSGDSDFVVVANRLPIDLERAPDGTTSWKRSPGGLVTALEPLLRRRRGAWIGWPGIPDSDEDPIVDGDLVLYPV
RLSADDVAQYYEGFSNATLWPLYHDVIVKPIYNRQWWERYVEVNRRFAEATSRAAARGATVWVQDYQLQLVPKMLRELRP
DLTIGFFLHIPFPPVELFMQLPWRTEITDGLLGADLVGFHLPGGAQNFLFLARRLVGANTSRASVGVRSKFGEVQIGSRT
VKVGAFPISIDSADLDRQARQRSIRQRARQIRAELGNPRRILLGVDRLDYTKGIDVRLQAFAELLAEGRVNREDTVFVQL
ATPSRERVEAYRLLRDDIERQVGHINGEYGEVGHPVVHYLHRPVPREELIAFFVAADVMLVTPLRDGMNLVAKEYVACRS
DLGGALVLSEFTGAAAELGQAYLVNPHNLDHVKDTMVAALNQTPEEGRRRMRALRRQVLAHDVDLWARSFLDALASTRTG
DADAVPV
;
_entity_poly.pdbx_strand_id   A
#
loop_
_chem_comp.id
_chem_comp.type
_chem_comp.name
_chem_comp.formula
EDO non-polymer 1,2-ETHANEDIOL 'C2 H6 O2'
GLC D-saccharide, alpha linking alpha-D-glucopyranose 'C6 H12 O6'
NHE non-polymer '2-[N-CYCLOHEXYLAMINO]ETHANE SULFONIC ACID' 'C8 H17 N O3 S'
#
# COMPACT_ATOMS: atom_id res chain seq x y z
N GLY A 9 -30.87 4.61 1.89
CA GLY A 9 -30.48 5.72 1.03
C GLY A 9 -30.78 5.45 -0.43
N ASP A 10 -30.15 6.22 -1.31
CA ASP A 10 -30.42 6.12 -2.73
C ASP A 10 -29.19 5.74 -3.55
N SER A 11 -28.19 5.13 -2.92
CA SER A 11 -27.00 4.72 -3.67
C SER A 11 -26.94 3.20 -3.87
N ASP A 12 -26.70 2.77 -5.10
CA ASP A 12 -26.65 1.34 -5.42
C ASP A 12 -25.22 0.80 -5.51
N PHE A 13 -24.24 1.70 -5.39
CA PHE A 13 -22.85 1.29 -5.26
C PHE A 13 -22.17 2.16 -4.22
N VAL A 14 -21.58 1.55 -3.20
CA VAL A 14 -21.07 2.27 -2.06
C VAL A 14 -19.66 1.81 -1.65
N VAL A 15 -18.73 2.75 -1.60
CA VAL A 15 -17.38 2.45 -1.12
C VAL A 15 -17.28 2.89 0.32
N VAL A 16 -16.63 2.06 1.13
CA VAL A 16 -16.42 2.37 2.54
C VAL A 16 -14.92 2.32 2.83
N ALA A 17 -14.37 3.45 3.26
CA ALA A 17 -12.94 3.54 3.53
C ALA A 17 -12.69 4.45 4.71
N ASN A 18 -11.55 4.29 5.37
CA ASN A 18 -11.25 5.08 6.56
C ASN A 18 -11.41 6.59 6.29
N ARG A 19 -10.94 7.06 5.15
CA ARG A 19 -11.09 8.48 4.82
C ARG A 19 -11.91 8.74 3.55
N LEU A 20 -12.60 9.87 3.52
CA LEU A 20 -13.22 10.37 2.31
C LEU A 20 -12.11 10.67 1.28
N PRO A 21 -12.43 10.54 -0.02
CA PRO A 21 -11.43 10.75 -1.06
C PRO A 21 -11.23 12.24 -1.38
N ILE A 22 -10.86 13.02 -0.37
CA ILE A 22 -10.71 14.46 -0.53
C ILE A 22 -9.42 14.99 0.10
N ASP A 23 -9.02 16.18 -0.34
CA ASP A 23 -7.95 16.94 0.29
C ASP A 23 -8.55 18.21 0.87
N LEU A 24 -7.95 18.72 1.94
CA LEU A 24 -8.55 19.84 2.68
C LEU A 24 -7.87 21.18 2.39
N TRP A 34 -12.23 22.25 0.93
CA TRP A 34 -11.85 20.89 0.53
C TRP A 34 -12.00 20.68 -0.97
N LYS A 35 -11.20 19.76 -1.51
CA LYS A 35 -11.31 19.38 -2.92
C LYS A 35 -11.04 17.89 -3.12
N ARG A 36 -11.65 17.31 -4.14
CA ARG A 36 -11.49 15.88 -4.44
C ARG A 36 -10.03 15.52 -4.69
N SER A 37 -9.54 14.49 -4.01
CA SER A 37 -8.17 14.04 -4.21
C SER A 37 -8.02 13.37 -5.57
N PRO A 38 -6.92 13.64 -6.28
CA PRO A 38 -6.66 13.08 -7.62
C PRO A 38 -6.21 11.61 -7.59
N GLY A 39 -6.40 10.92 -8.71
CA GLY A 39 -5.93 9.55 -8.86
C GLY A 39 -6.56 8.57 -7.89
N GLY A 40 -5.82 7.50 -7.59
CA GLY A 40 -6.25 6.52 -6.60
C GLY A 40 -7.48 5.73 -6.99
N LEU A 41 -8.03 5.03 -6.01
CA LEU A 41 -9.22 4.21 -6.21
C LEU A 41 -10.40 5.01 -6.75
N VAL A 42 -10.58 6.22 -6.21
CA VAL A 42 -11.72 7.03 -6.57
C VAL A 42 -11.72 7.37 -8.07
N THR A 43 -10.53 7.42 -8.66
CA THR A 43 -10.43 7.71 -10.09
C THR A 43 -10.59 6.43 -10.91
N ALA A 44 -10.08 5.32 -10.38
CA ALA A 44 -10.21 4.02 -11.03
C ALA A 44 -11.69 3.65 -11.23
N LEU A 45 -12.54 4.07 -10.30
CA LEU A 45 -13.96 3.73 -10.32
C LEU A 45 -14.84 4.64 -11.19
N GLU A 46 -14.25 5.71 -11.72
CA GLU A 46 -15.01 6.73 -12.46
C GLU A 46 -16.00 6.20 -13.52
N PRO A 47 -15.58 5.25 -14.37
CA PRO A 47 -16.56 4.79 -15.38
C PRO A 47 -17.69 3.91 -14.82
N LEU A 48 -17.57 3.47 -13.57
CA LEU A 48 -18.66 2.73 -12.94
C LEU A 48 -19.64 3.72 -12.29
N LEU A 49 -19.08 4.75 -11.67
CA LEU A 49 -19.87 5.83 -11.08
C LEU A 49 -20.62 6.61 -12.17
N ARG A 50 -20.13 6.53 -13.41
CA ARG A 50 -20.78 7.18 -14.54
C ARG A 50 -22.09 6.46 -14.92
N ARG A 51 -22.28 5.25 -14.39
CA ARG A 51 -23.47 4.47 -14.66
C ARG A 51 -24.15 4.00 -13.38
N ARG A 52 -23.64 4.45 -12.24
CA ARG A 52 -24.20 4.08 -10.94
C ARG A 52 -24.57 5.29 -10.10
N ARG A 53 -25.45 5.08 -9.13
CA ARG A 53 -25.69 6.07 -8.09
C ARG A 53 -24.69 5.81 -6.97
N GLY A 54 -23.53 6.45 -7.04
CA GLY A 54 -22.42 6.11 -6.17
C GLY A 54 -22.27 6.91 -4.90
N ALA A 55 -21.82 6.24 -3.84
CA ALA A 55 -21.55 6.89 -2.56
C ALA A 55 -20.22 6.46 -1.97
N TRP A 56 -19.64 7.33 -1.16
CA TRP A 56 -18.41 7.03 -0.47
C TRP A 56 -18.56 7.38 1.01
N ILE A 57 -18.32 6.41 1.88
CA ILE A 57 -18.39 6.62 3.32
C ILE A 57 -16.98 6.71 3.90
N GLY A 58 -16.70 7.74 4.67
CA GLY A 58 -15.40 7.88 5.30
C GLY A 58 -15.28 9.07 6.23
N TRP A 59 -14.22 9.08 7.03
CA TRP A 59 -13.91 10.23 7.88
C TRP A 59 -13.33 11.37 7.04
N PRO A 60 -13.90 12.59 7.19
CA PRO A 60 -13.42 13.73 6.39
C PRO A 60 -12.07 14.29 6.82
N GLY A 61 -11.48 13.72 7.86
CA GLY A 61 -10.16 14.13 8.30
C GLY A 61 -10.15 15.32 9.25
N ILE A 62 -11.33 15.80 9.62
CA ILE A 62 -11.45 16.82 10.66
C ILE A 62 -12.28 16.29 11.82
N PRO A 63 -11.88 16.64 13.06
CA PRO A 63 -12.57 16.11 14.25
C PRO A 63 -13.95 16.70 14.48
N ASP A 64 -14.88 15.84 14.93
CA ASP A 64 -16.22 16.25 15.34
C ASP A 64 -16.97 17.06 14.28
N SER A 65 -16.91 16.59 13.04
CA SER A 65 -17.64 17.21 11.95
C SER A 65 -19.10 16.75 11.92
N ASP A 66 -19.87 17.32 11.01
CA ASP A 66 -21.22 16.87 10.76
C ASP A 66 -21.20 15.57 9.96
N GLU A 67 -22.33 14.88 9.92
CA GLU A 67 -22.44 13.67 9.11
C GLU A 67 -23.44 13.90 7.98
N ASP A 68 -23.63 15.17 7.62
CA ASP A 68 -24.49 15.55 6.51
C ASP A 68 -23.83 15.21 5.18
N PRO A 69 -24.56 14.49 4.31
CA PRO A 69 -24.07 14.07 2.99
C PRO A 69 -23.66 15.25 2.12
N ILE A 70 -22.64 15.05 1.29
CA ILE A 70 -22.15 16.09 0.41
C ILE A 70 -22.11 15.59 -1.04
N VAL A 71 -22.87 16.22 -1.91
CA VAL A 71 -22.92 15.82 -3.31
C VAL A 71 -21.68 16.30 -4.06
N ASP A 72 -20.97 15.37 -4.69
CA ASP A 72 -19.84 15.72 -5.53
C ASP A 72 -20.23 15.59 -7.01
N GLY A 73 -21.53 15.50 -7.27
CA GLY A 73 -22.03 15.30 -8.62
C GLY A 73 -21.73 13.90 -9.13
N ASP A 74 -20.44 13.57 -9.14
CA ASP A 74 -19.96 12.24 -9.48
C ASP A 74 -20.30 11.25 -8.36
N LEU A 75 -19.97 11.64 -7.13
CA LEU A 75 -20.26 10.85 -5.94
C LEU A 75 -21.08 11.62 -4.92
N VAL A 76 -21.71 10.88 -4.01
CA VAL A 76 -22.24 11.47 -2.78
C VAL A 76 -21.34 11.04 -1.62
N LEU A 77 -20.81 11.99 -0.88
CA LEU A 77 -19.93 11.67 0.24
C LEU A 77 -20.71 11.66 1.56
N TYR A 78 -20.55 10.57 2.31
CA TYR A 78 -21.14 10.46 3.65
C TYR A 78 -20.05 10.51 4.71
N PRO A 79 -19.92 11.67 5.39
CA PRO A 79 -18.88 11.85 6.40
C PRO A 79 -19.18 11.10 7.67
N VAL A 80 -18.16 10.50 8.26
CA VAL A 80 -18.29 9.85 9.55
C VAL A 80 -17.67 10.75 10.63
N ARG A 81 -18.47 11.09 11.63
CA ARG A 81 -18.01 11.91 12.74
C ARG A 81 -17.09 11.12 13.67
N LEU A 82 -15.84 11.56 13.78
CA LEU A 82 -14.89 11.00 14.73
C LEU A 82 -14.27 12.13 15.55
N SER A 83 -14.16 11.91 16.86
CA SER A 83 -13.47 12.87 17.71
C SER A 83 -11.97 12.62 17.63
N ALA A 84 -11.17 13.57 18.12
CA ALA A 84 -9.73 13.38 18.16
C ALA A 84 -9.38 12.17 19.04
N ASP A 85 -10.16 11.95 20.09
CA ASP A 85 -9.94 10.79 20.95
C ASP A 85 -10.29 9.49 20.21
N ASP A 86 -11.35 9.53 19.40
CA ASP A 86 -11.72 8.39 18.55
C ASP A 86 -10.58 8.00 17.63
N VAL A 87 -9.98 9.01 16.98
CA VAL A 87 -8.89 8.76 16.06
C VAL A 87 -7.68 8.20 16.80
N ALA A 88 -7.41 8.74 17.99
CA ALA A 88 -6.25 8.29 18.77
C ALA A 88 -6.36 6.82 19.16
N GLN A 89 -7.56 6.38 19.56
CA GLN A 89 -7.72 5.00 20.05
C GLN A 89 -8.08 3.98 18.96
N TYR A 90 -8.96 4.34 18.04
CA TYR A 90 -9.32 3.45 16.92
C TYR A 90 -8.27 3.40 15.81
N TYR A 91 -7.70 4.54 15.47
CA TYR A 91 -6.79 4.60 14.31
C TYR A 91 -5.33 4.53 14.70
N GLU A 92 -4.83 5.54 15.42
CA GLU A 92 -3.43 5.50 15.77
CA GLU A 92 -3.47 5.61 15.91
C GLU A 92 -3.17 4.42 16.81
N GLY A 93 -4.20 4.05 17.59
CA GLY A 93 -4.10 2.94 18.54
C GLY A 93 -4.32 1.57 17.92
N PHE A 94 -5.58 1.12 17.89
CA PHE A 94 -5.84 -0.23 17.40
C PHE A 94 -5.35 -0.48 15.97
N SER A 95 -5.68 0.40 15.04
CA SER A 95 -5.30 0.14 13.67
C SER A 95 -3.78 0.17 13.48
N ASN A 96 -3.12 1.22 13.96
CA ASN A 96 -1.71 1.39 13.63
C ASN A 96 -0.69 0.88 14.63
N ALA A 97 -1.13 0.57 15.86
CA ALA A 97 -0.21 0.07 16.86
C ALA A 97 -0.56 -1.34 17.34
N THR A 98 -1.72 -1.84 16.91
CA THR A 98 -2.05 -3.25 17.14
C THR A 98 -2.03 -4.01 15.80
N LEU A 99 -2.94 -3.66 14.89
CA LEU A 99 -3.09 -4.43 13.66
C LEU A 99 -1.92 -4.29 12.70
N TRP A 100 -1.48 -3.05 12.45
CA TRP A 100 -0.42 -2.80 11.48
C TRP A 100 0.86 -3.63 11.79
N PRO A 101 1.40 -3.53 13.03
CA PRO A 101 2.61 -4.33 13.23
C PRO A 101 2.36 -5.84 13.21
N LEU A 102 1.21 -6.28 13.70
CA LEU A 102 0.89 -7.72 13.72
C LEU A 102 0.79 -8.28 12.30
N TYR A 103 0.09 -7.56 11.43
CA TYR A 103 -0.13 -8.06 10.07
C TYR A 103 1.15 -8.01 9.25
N HIS A 104 2.09 -7.14 9.64
CA HIS A 104 3.37 -7.07 8.95
C HIS A 104 4.46 -7.85 9.70
N ASP A 105 4.17 -9.09 10.08
CA ASP A 105 5.16 -10.01 10.65
C ASP A 105 5.87 -9.50 11.90
N VAL A 106 5.11 -8.82 12.77
CA VAL A 106 5.58 -8.26 14.05
C VAL A 106 7.01 -7.70 14.01
N ILE A 107 7.28 -6.88 13.00
CA ILE A 107 8.57 -6.20 12.90
C ILE A 107 8.78 -5.35 14.14
N VAL A 108 7.71 -4.74 14.64
CA VAL A 108 7.72 -4.22 16.00
C VAL A 108 6.61 -4.92 16.78
N LYS A 109 6.72 -4.86 18.10
CA LYS A 109 5.80 -5.58 18.97
C LYS A 109 4.42 -4.95 18.96
N PRO A 110 3.38 -5.72 18.59
CA PRO A 110 2.05 -5.11 18.72
C PRO A 110 1.73 -4.78 20.18
N ILE A 111 0.91 -3.76 20.37
CA ILE A 111 0.39 -3.42 21.68
C ILE A 111 -1.05 -3.90 21.77
N TYR A 112 -1.35 -4.73 22.77
CA TYR A 112 -2.71 -5.21 22.94
C TYR A 112 -3.35 -4.41 24.07
N ASN A 113 -4.36 -3.64 23.70
CA ASN A 113 -5.00 -2.66 24.57
C ASN A 113 -6.51 -2.77 24.42
N ARG A 114 -7.20 -3.10 25.51
CA ARG A 114 -8.64 -3.33 25.45
C ARG A 114 -9.45 -2.06 25.14
N GLN A 115 -9.00 -0.91 25.62
CA GLN A 115 -9.71 0.34 25.35
C GLN A 115 -9.62 0.69 23.86
N TRP A 116 -8.48 0.43 23.25
CA TRP A 116 -8.33 0.60 21.81
C TRP A 116 -9.28 -0.31 21.05
N TRP A 117 -9.36 -1.57 21.48
CA TRP A 117 -10.29 -2.51 20.86
C TRP A 117 -11.73 -2.01 20.94
N GLU A 118 -12.13 -1.56 22.12
CA GLU A 118 -13.51 -1.12 22.32
C GLU A 118 -13.85 0.06 21.42
N ARG A 119 -12.90 0.99 21.24
CA ARG A 119 -13.13 2.13 20.35
C ARG A 119 -13.16 1.69 18.89
N TYR A 120 -12.33 0.71 18.54
CA TYR A 120 -12.30 0.15 17.20
C TYR A 120 -13.67 -0.46 16.85
N VAL A 121 -14.26 -1.19 17.79
CA VAL A 121 -15.61 -1.73 17.59
C VAL A 121 -16.63 -0.60 17.41
N GLU A 122 -16.60 0.39 18.30
CA GLU A 122 -17.54 1.51 18.29
C GLU A 122 -17.45 2.30 16.97
N VAL A 123 -16.24 2.55 16.52
CA VAL A 123 -16.02 3.29 15.27
C VAL A 123 -16.45 2.47 14.06
N ASN A 124 -16.10 1.18 14.05
CA ASN A 124 -16.55 0.30 12.97
C ASN A 124 -18.08 0.28 12.86
N ARG A 125 -18.77 0.27 14.00
CA ARG A 125 -20.23 0.27 13.98
C ARG A 125 -20.76 1.58 13.36
N ARG A 126 -20.12 2.69 13.69
CA ARG A 126 -20.47 3.99 13.15
C ARG A 126 -20.31 4.03 11.61
N PHE A 127 -19.25 3.42 11.09
CA PHE A 127 -19.09 3.31 9.64
C PHE A 127 -20.20 2.45 9.04
N ALA A 128 -20.56 1.38 9.75
CA ALA A 128 -21.62 0.50 9.29
C ALA A 128 -22.95 1.22 9.21
N GLU A 129 -23.25 2.02 10.23
CA GLU A 129 -24.47 2.81 10.25
C GLU A 129 -24.51 3.83 9.11
N ALA A 130 -23.38 4.47 8.84
CA ALA A 130 -23.32 5.45 7.76
C ALA A 130 -23.52 4.78 6.41
N THR A 131 -22.96 3.58 6.26
CA THR A 131 -23.12 2.81 5.03
C THR A 131 -24.59 2.47 4.78
N SER A 132 -25.26 1.95 5.79
CA SER A 132 -26.67 1.60 5.68
C SER A 132 -27.51 2.83 5.28
N ARG A 133 -27.17 3.98 5.85
CA ARG A 133 -27.86 5.22 5.55
C ARG A 133 -27.79 5.57 4.07
N ALA A 134 -26.64 5.28 3.46
CA ALA A 134 -26.38 5.63 2.06
C ALA A 134 -26.89 4.58 1.08
N ALA A 135 -26.87 3.32 1.51
CA ALA A 135 -27.10 2.18 0.62
C ALA A 135 -28.57 1.94 0.31
N ALA A 136 -28.91 1.98 -0.97
CA ALA A 136 -30.23 1.60 -1.43
C ALA A 136 -30.42 0.10 -1.23
N ARG A 137 -31.63 -0.37 -1.45
CA ARG A 137 -31.94 -1.78 -1.24
C ARG A 137 -31.23 -2.66 -2.27
N GLY A 138 -30.55 -3.70 -1.79
CA GLY A 138 -29.85 -4.61 -2.66
C GLY A 138 -28.57 -4.04 -3.25
N ALA A 139 -28.13 -2.90 -2.72
CA ALA A 139 -26.93 -2.23 -3.20
C ALA A 139 -25.67 -3.09 -3.06
N THR A 140 -24.66 -2.78 -3.86
CA THR A 140 -23.34 -3.37 -3.75
C THR A 140 -22.43 -2.47 -2.91
N VAL A 141 -21.75 -3.08 -1.93
CA VAL A 141 -20.91 -2.34 -1.01
C VAL A 141 -19.49 -2.88 -1.05
N TRP A 142 -18.50 -2.00 -1.15
CA TRP A 142 -17.11 -2.41 -1.15
C TRP A 142 -16.35 -1.75 0.00
N VAL A 143 -16.08 -2.53 1.04
CA VAL A 143 -15.36 -2.05 2.22
C VAL A 143 -13.85 -2.17 2.05
N GLN A 144 -13.12 -1.11 2.38
CA GLN A 144 -11.66 -1.09 2.23
C GLN A 144 -10.87 -1.20 3.53
N ASP A 145 -10.04 -2.24 3.60
CA ASP A 145 -8.80 -2.28 4.39
C ASP A 145 -8.92 -2.52 5.88
N TYR A 146 -7.75 -2.55 6.53
CA TYR A 146 -7.60 -3.13 7.86
C TYR A 146 -8.27 -2.36 8.98
N GLN A 147 -8.58 -1.08 8.76
CA GLN A 147 -9.23 -0.28 9.80
C GLN A 147 -10.70 -0.65 9.98
N LEU A 148 -11.26 -1.36 9.00
CA LEU A 148 -12.72 -1.56 8.93
C LEU A 148 -13.10 -3.04 8.82
N GLN A 149 -12.33 -3.90 9.47
CA GLN A 149 -12.54 -5.34 9.32
C GLN A 149 -13.82 -5.87 9.99
N LEU A 150 -14.42 -5.07 10.88
CA LEU A 150 -15.65 -5.49 11.55
C LEU A 150 -16.88 -5.10 10.75
N VAL A 151 -16.73 -4.13 9.85
CA VAL A 151 -17.87 -3.57 9.15
C VAL A 151 -18.71 -4.60 8.36
N PRO A 152 -18.08 -5.54 7.64
CA PRO A 152 -18.95 -6.45 6.87
C PRO A 152 -19.99 -7.21 7.72
N LYS A 153 -19.56 -7.80 8.83
CA LYS A 153 -20.50 -8.51 9.70
C LYS A 153 -21.55 -7.56 10.27
N MET A 154 -21.11 -6.40 10.74
CA MET A 154 -22.02 -5.43 11.34
C MET A 154 -23.07 -4.97 10.32
N LEU A 155 -22.61 -4.79 9.09
CA LEU A 155 -23.48 -4.31 8.02
C LEU A 155 -24.49 -5.40 7.63
N ARG A 156 -24.04 -6.65 7.53
CA ARG A 156 -24.94 -7.75 7.19
C ARG A 156 -26.04 -7.91 8.24
N GLU A 157 -25.71 -7.66 9.50
CA GLU A 157 -26.71 -7.73 10.56
C GLU A 157 -27.71 -6.59 10.48
N LEU A 158 -27.23 -5.40 10.15
CA LEU A 158 -28.12 -4.25 9.93
C LEU A 158 -28.88 -4.39 8.63
N ARG A 159 -28.21 -4.87 7.59
CA ARG A 159 -28.75 -4.83 6.23
C ARG A 159 -28.49 -6.11 5.45
N PRO A 160 -29.23 -7.18 5.74
CA PRO A 160 -29.01 -8.48 5.07
C PRO A 160 -29.28 -8.46 3.56
N ASP A 161 -29.83 -7.35 3.06
CA ASP A 161 -30.14 -7.20 1.64
C ASP A 161 -28.92 -6.82 0.79
N LEU A 162 -27.83 -6.44 1.44
CA LEU A 162 -26.68 -5.91 0.72
C LEU A 162 -25.71 -6.98 0.26
N THR A 163 -25.05 -6.69 -0.86
CA THR A 163 -23.93 -7.48 -1.34
C THR A 163 -22.66 -6.79 -0.88
N ILE A 164 -21.80 -7.53 -0.19
CA ILE A 164 -20.69 -6.92 0.52
C ILE A 164 -19.35 -7.51 0.13
N GLY A 165 -18.47 -6.65 -0.35
CA GLY A 165 -17.10 -7.06 -0.62
C GLY A 165 -16.14 -6.39 0.34
N PHE A 166 -15.04 -7.08 0.64
CA PHE A 166 -13.98 -6.51 1.46
C PHE A 166 -12.62 -6.81 0.82
N PHE A 167 -11.78 -5.78 0.70
CA PHE A 167 -10.42 -6.00 0.22
C PHE A 167 -9.39 -5.51 1.24
N LEU A 168 -8.46 -6.39 1.61
CA LEU A 168 -7.38 -6.05 2.52
C LEU A 168 -6.17 -5.57 1.73
N HIS A 169 -5.71 -4.34 1.98
CA HIS A 169 -4.60 -3.76 1.23
C HIS A 169 -3.22 -4.08 1.83
N ILE A 170 -3.21 -4.54 3.08
CA ILE A 170 -1.95 -4.90 3.73
C ILE A 170 -1.88 -6.42 3.81
N PRO A 171 -0.71 -7.00 4.17
CA PRO A 171 -0.65 -8.47 4.18
C PRO A 171 -1.59 -9.11 5.19
N PHE A 172 -2.04 -10.34 4.93
CA PHE A 172 -2.72 -11.09 5.98
C PHE A 172 -1.74 -12.09 6.58
N PRO A 173 -1.45 -11.95 7.89
CA PRO A 173 -0.34 -12.68 8.49
C PRO A 173 -0.62 -14.19 8.66
N PRO A 174 0.43 -14.97 8.86
CA PRO A 174 0.24 -16.38 9.20
C PRO A 174 -0.55 -16.53 10.51
N VAL A 175 -1.20 -17.68 10.64
CA VAL A 175 -2.07 -17.97 11.75
C VAL A 175 -1.34 -17.91 13.09
N GLU A 176 -0.10 -18.39 13.12
CA GLU A 176 0.71 -18.37 14.36
C GLU A 176 0.84 -16.96 14.95
N LEU A 177 0.91 -15.95 14.08
CA LEU A 177 0.98 -14.57 14.55
C LEU A 177 -0.41 -14.01 14.78
N PHE A 178 -1.31 -14.20 13.83
CA PHE A 178 -2.69 -13.70 13.98
C PHE A 178 -3.31 -14.13 15.32
N MET A 179 -3.08 -15.37 15.72
CA MET A 179 -3.66 -15.92 16.95
C MET A 179 -3.29 -15.15 18.22
N GLN A 180 -2.22 -14.34 18.18
CA GLN A 180 -1.87 -13.53 19.34
C GLN A 180 -3.00 -12.59 19.73
N LEU A 181 -3.73 -12.09 18.72
CA LEU A 181 -4.76 -11.08 18.94
C LEU A 181 -5.80 -11.60 19.91
N PRO A 182 -5.99 -10.91 21.04
CA PRO A 182 -7.04 -11.35 21.94
C PRO A 182 -8.44 -11.33 21.29
N TRP A 183 -8.62 -10.51 20.26
CA TRP A 183 -9.94 -10.39 19.63
C TRP A 183 -9.90 -11.04 18.25
N ARG A 184 -9.04 -12.05 18.13
CA ARG A 184 -8.86 -12.82 16.91
C ARG A 184 -10.19 -13.35 16.31
N THR A 185 -11.07 -13.87 17.17
CA THR A 185 -12.33 -14.44 16.69
C THR A 185 -13.27 -13.35 16.17
N GLU A 186 -13.38 -12.26 16.90
CA GLU A 186 -14.20 -11.13 16.50
C GLU A 186 -13.76 -10.55 15.13
N ILE A 187 -12.44 -10.39 14.92
CA ILE A 187 -11.92 -9.91 13.62
C ILE A 187 -12.26 -10.88 12.50
N THR A 188 -12.03 -12.17 12.74
CA THR A 188 -12.32 -13.20 11.74
C THR A 188 -13.81 -13.24 11.39
N ASP A 189 -14.68 -13.25 12.39
CA ASP A 189 -16.12 -13.20 12.15
C ASP A 189 -16.50 -11.92 11.37
N GLY A 190 -15.81 -10.84 11.69
CA GLY A 190 -16.05 -9.57 11.03
C GLY A 190 -15.84 -9.66 9.54
N LEU A 191 -14.73 -10.29 9.15
CA LEU A 191 -14.38 -10.43 7.74
C LEU A 191 -15.34 -11.40 7.07
N LEU A 192 -15.75 -12.44 7.79
CA LEU A 192 -16.65 -13.46 7.23
C LEU A 192 -18.06 -12.93 6.98
N GLY A 193 -18.32 -11.69 7.39
CA GLY A 193 -19.60 -11.06 7.08
C GLY A 193 -19.69 -10.67 5.61
N ALA A 194 -18.56 -10.66 4.93
CA ALA A 194 -18.53 -10.28 3.51
C ALA A 194 -18.97 -11.43 2.60
N ASP A 195 -19.48 -11.10 1.40
CA ASP A 195 -19.72 -12.11 0.38
C ASP A 195 -18.42 -12.47 -0.34
N LEU A 196 -17.51 -11.50 -0.39
CA LEU A 196 -16.20 -11.69 -1.01
C LEU A 196 -15.13 -11.04 -0.16
N VAL A 197 -14.11 -11.81 0.19
CA VAL A 197 -12.94 -11.30 0.90
C VAL A 197 -11.74 -11.41 -0.04
N GLY A 198 -11.10 -10.29 -0.34
CA GLY A 198 -9.98 -10.28 -1.26
C GLY A 198 -8.69 -9.81 -0.63
N PHE A 199 -7.58 -10.34 -1.14
CA PHE A 199 -6.24 -9.97 -0.72
C PHE A 199 -5.42 -9.75 -1.97
N HIS A 200 -4.25 -9.13 -1.86
CA HIS A 200 -3.39 -9.01 -3.05
C HIS A 200 -2.93 -10.35 -3.57
N LEU A 201 -2.58 -11.25 -2.64
CA LEU A 201 -1.82 -12.46 -2.96
C LEU A 201 -2.53 -13.75 -2.55
N PRO A 202 -2.27 -14.83 -3.30
CA PRO A 202 -2.83 -16.13 -2.90
C PRO A 202 -2.42 -16.54 -1.48
N GLY A 203 -1.22 -16.15 -1.05
CA GLY A 203 -0.77 -16.49 0.30
C GLY A 203 -1.68 -15.96 1.41
N GLY A 204 -2.15 -14.73 1.24
CA GLY A 204 -3.09 -14.14 2.20
C GLY A 204 -4.42 -14.85 2.22
N ALA A 205 -4.93 -15.15 1.04
CA ALA A 205 -6.19 -15.87 0.90
C ALA A 205 -6.09 -17.24 1.57
N GLN A 206 -4.96 -17.91 1.38
CA GLN A 206 -4.77 -19.25 1.96
C GLN A 206 -4.63 -19.20 3.48
N ASN A 207 -4.00 -18.15 4.00
CA ASN A 207 -3.94 -17.95 5.45
C ASN A 207 -5.34 -17.76 6.02
N PHE A 208 -6.16 -17.01 5.30
CA PHE A 208 -7.52 -16.73 5.72
C PHE A 208 -8.35 -18.01 5.75
N LEU A 209 -8.21 -18.84 4.72
CA LEU A 209 -8.92 -20.11 4.67
C LEU A 209 -8.55 -20.99 5.87
N PHE A 210 -7.25 -21.09 6.12
CA PHE A 210 -6.75 -21.93 7.22
C PHE A 210 -7.25 -21.39 8.57
N LEU A 211 -7.18 -20.08 8.75
CA LEU A 211 -7.71 -19.43 9.94
C LEU A 211 -9.19 -19.74 10.15
N ALA A 212 -9.97 -19.69 9.08
CA ALA A 212 -11.39 -19.98 9.16
C ALA A 212 -11.65 -21.41 9.67
N ARG A 213 -10.81 -22.35 9.24
CA ARG A 213 -10.91 -23.73 9.68
C ARG A 213 -10.46 -23.91 11.13
N ARG A 214 -9.29 -23.36 11.44
CA ARG A 214 -8.65 -23.55 12.74
C ARG A 214 -9.41 -22.84 13.87
N LEU A 215 -9.74 -21.58 13.65
CA LEU A 215 -10.26 -20.72 14.70
C LEU A 215 -11.78 -20.76 14.78
N VAL A 216 -12.43 -20.71 13.62
CA VAL A 216 -13.88 -20.62 13.54
C VAL A 216 -14.52 -21.99 13.31
N GLY A 217 -13.72 -22.96 12.86
CA GLY A 217 -14.25 -24.30 12.66
C GLY A 217 -15.16 -24.42 11.44
N ALA A 218 -14.99 -23.52 10.49
CA ALA A 218 -15.78 -23.54 9.26
C ALA A 218 -15.23 -24.52 8.24
N ASN A 219 -16.10 -25.03 7.37
CA ASN A 219 -15.67 -25.83 6.24
CA ASN A 219 -15.66 -25.84 6.25
C ASN A 219 -15.18 -24.95 5.10
N THR A 220 -13.98 -25.20 4.62
CA THR A 220 -13.45 -24.40 3.52
C THR A 220 -12.97 -25.28 2.38
N SER A 221 -12.72 -24.64 1.24
CA SER A 221 -12.02 -25.29 0.14
C SER A 221 -10.58 -25.52 0.55
N ARG A 222 -9.92 -26.48 -0.09
CA ARG A 222 -8.55 -26.85 0.30
C ARG A 222 -7.52 -26.54 -0.77
N ALA A 223 -7.98 -26.30 -2.00
CA ALA A 223 -7.09 -26.06 -3.13
C ALA A 223 -6.33 -24.74 -3.03
N SER A 224 -5.25 -24.64 -3.79
CA SER A 224 -4.56 -23.36 -3.94
C SER A 224 -5.51 -22.32 -4.50
N VAL A 225 -5.29 -21.08 -4.11
CA VAL A 225 -6.08 -19.96 -4.60
C VAL A 225 -5.34 -19.31 -5.78
N GLY A 226 -6.06 -19.05 -6.87
CA GLY A 226 -5.44 -18.50 -8.06
C GLY A 226 -5.32 -16.99 -8.03
N VAL A 227 -4.79 -16.42 -9.10
CA VAL A 227 -4.73 -14.97 -9.24
C VAL A 227 -5.93 -14.54 -10.07
N ARG A 228 -6.82 -13.75 -9.46
CA ARG A 228 -8.07 -13.31 -10.08
C ARG A 228 -8.88 -14.47 -10.64
N SER A 229 -8.73 -15.65 -10.02
CA SER A 229 -9.38 -16.87 -10.49
C SER A 229 -9.18 -17.97 -9.47
N LYS A 230 -9.81 -19.13 -9.69
CA LYS A 230 -9.63 -20.29 -8.80
C LYS A 230 -9.88 -19.87 -7.35
N PHE A 231 -11.04 -19.29 -7.10
CA PHE A 231 -11.35 -18.72 -5.79
C PHE A 231 -11.56 -19.80 -4.72
N GLY A 232 -11.25 -19.46 -3.49
CA GLY A 232 -11.51 -20.32 -2.36
C GLY A 232 -12.91 -20.03 -1.85
N GLU A 233 -13.40 -20.86 -0.94
CA GLU A 233 -14.70 -20.61 -0.33
C GLU A 233 -14.72 -21.03 1.12
N VAL A 234 -15.52 -20.31 1.90
CA VAL A 234 -15.76 -20.63 3.30
C VAL A 234 -17.26 -20.76 3.47
N GLN A 235 -17.71 -21.87 4.04
CA GLN A 235 -19.12 -22.06 4.23
C GLN A 235 -19.50 -21.53 5.60
N ILE A 236 -20.42 -20.57 5.63
CA ILE A 236 -20.92 -20.02 6.88
C ILE A 236 -22.44 -20.22 6.92
N GLY A 237 -22.86 -21.25 7.64
CA GLY A 237 -24.27 -21.61 7.67
C GLY A 237 -24.80 -21.81 6.27
N SER A 238 -25.82 -21.03 5.91
CA SER A 238 -26.48 -21.19 4.62
C SER A 238 -25.76 -20.43 3.50
N ARG A 239 -24.85 -19.54 3.88
CA ARG A 239 -24.20 -18.75 2.85
C ARG A 239 -22.71 -19.07 2.72
N THR A 240 -22.18 -18.73 1.56
CA THR A 240 -20.81 -19.01 1.21
C THR A 240 -20.04 -17.71 1.10
N VAL A 241 -18.83 -17.68 1.64
CA VAL A 241 -17.95 -16.53 1.47
C VAL A 241 -16.91 -16.87 0.41
N LYS A 242 -16.84 -16.04 -0.62
CA LYS A 242 -15.81 -16.23 -1.65
C LYS A 242 -14.51 -15.58 -1.20
N VAL A 243 -13.39 -16.21 -1.50
CA VAL A 243 -12.09 -15.71 -1.08
C VAL A 243 -11.15 -15.66 -2.29
N GLY A 244 -10.53 -14.51 -2.54
CA GLY A 244 -9.73 -14.37 -3.73
C GLY A 244 -8.48 -13.51 -3.60
N ALA A 245 -7.63 -13.62 -4.62
CA ALA A 245 -6.42 -12.82 -4.72
C ALA A 245 -6.51 -11.89 -5.94
N PHE A 246 -6.38 -10.59 -5.68
CA PHE A 246 -6.52 -9.57 -6.71
C PHE A 246 -5.40 -8.57 -6.51
N PRO A 247 -4.30 -8.69 -7.26
CA PRO A 247 -3.18 -7.78 -6.94
C PRO A 247 -3.40 -6.37 -7.47
N ILE A 248 -3.40 -5.38 -6.57
CA ILE A 248 -3.67 -4.00 -6.99
C ILE A 248 -2.56 -3.48 -7.92
N SER A 249 -2.90 -2.46 -8.69
CA SER A 249 -1.90 -1.82 -9.53
C SER A 249 -2.21 -0.33 -9.59
N ILE A 250 -1.59 0.34 -10.55
CA ILE A 250 -1.75 1.78 -10.77
C ILE A 250 -2.40 2.07 -12.13
N ASP A 251 -2.73 3.34 -12.39
CA ASP A 251 -3.10 3.76 -13.74
C ASP A 251 -1.82 3.90 -14.54
N SER A 252 -1.33 2.77 -15.03
CA SER A 252 -0.03 2.67 -15.71
C SER A 252 0.08 3.63 -16.90
N ALA A 253 -0.97 3.68 -17.72
CA ALA A 253 -0.93 4.50 -18.93
C ALA A 253 -0.84 5.98 -18.60
N ASP A 254 -1.56 6.41 -17.56
CA ASP A 254 -1.57 7.81 -17.16
C ASP A 254 -0.21 8.27 -16.65
N LEU A 255 0.45 7.42 -15.87
CA LEU A 255 1.77 7.73 -15.36
C LEU A 255 2.82 7.72 -16.45
N ASP A 256 2.69 6.77 -17.37
CA ASP A 256 3.58 6.69 -18.54
C ASP A 256 3.51 8.00 -19.32
N ARG A 257 2.30 8.51 -19.47
CA ARG A 257 2.05 9.73 -20.21
C ARG A 257 2.63 10.93 -19.45
N GLN A 258 2.34 11.00 -18.15
CA GLN A 258 2.77 12.14 -17.34
C GLN A 258 4.29 12.28 -17.30
N ALA A 259 4.98 11.14 -17.25
CA ALA A 259 6.44 11.12 -17.08
C ALA A 259 7.16 11.60 -18.33
N ARG A 260 6.47 11.62 -19.46
CA ARG A 260 7.04 12.12 -20.71
C ARG A 260 6.93 13.64 -20.87
N GLN A 261 6.27 14.31 -19.93
CA GLN A 261 6.05 15.75 -20.09
C GLN A 261 7.39 16.51 -20.08
N ARG A 262 7.47 17.61 -20.84
CA ARG A 262 8.70 18.38 -20.94
C ARG A 262 9.19 18.86 -19.56
N SER A 263 8.27 19.40 -18.76
CA SER A 263 8.64 19.97 -17.47
C SER A 263 9.20 18.91 -16.52
N ILE A 264 8.68 17.69 -16.62
CA ILE A 264 9.17 16.60 -15.79
C ILE A 264 10.60 16.24 -16.20
N ARG A 265 10.81 16.09 -17.50
CA ARG A 265 12.14 15.75 -18.01
C ARG A 265 13.15 16.85 -17.68
N GLN A 266 12.73 18.10 -17.81
CA GLN A 266 13.60 19.23 -17.45
C GLN A 266 13.94 19.19 -15.96
N ARG A 267 12.96 18.89 -15.12
CA ARG A 267 13.22 18.80 -13.68
C ARG A 267 14.19 17.66 -13.35
N ALA A 268 14.05 16.53 -14.04
CA ALA A 268 14.94 15.40 -13.78
C ALA A 268 16.39 15.77 -14.10
N ARG A 269 16.60 16.49 -15.21
CA ARG A 269 17.93 16.94 -15.56
C ARG A 269 18.47 17.91 -14.52
N GLN A 270 17.60 18.83 -14.08
CA GLN A 270 17.97 19.80 -13.04
C GLN A 270 18.36 19.11 -11.73
N ILE A 271 17.64 18.05 -11.38
CA ILE A 271 17.96 17.28 -10.16
C ILE A 271 19.38 16.74 -10.23
N ARG A 272 19.74 16.15 -11.38
CA ARG A 272 21.07 15.60 -11.55
C ARG A 272 22.12 16.72 -11.48
N ALA A 273 21.81 17.87 -12.09
CA ALA A 273 22.70 19.03 -12.00
C ALA A 273 22.90 19.49 -10.54
N GLU A 274 21.81 19.55 -9.78
CA GLU A 274 21.90 19.98 -8.38
C GLU A 274 22.65 18.99 -7.50
N LEU A 275 22.69 17.73 -7.91
CA LEU A 275 23.45 16.71 -7.18
C LEU A 275 24.92 16.71 -7.60
N GLY A 276 25.30 17.64 -8.47
CA GLY A 276 26.68 17.74 -8.93
C GLY A 276 26.99 16.78 -10.06
N ASN A 277 25.97 16.52 -10.88
CA ASN A 277 26.03 15.59 -12.00
CA ASN A 277 26.06 15.60 -12.01
C ASN A 277 26.73 14.27 -11.70
N PRO A 278 26.14 13.48 -10.78
CA PRO A 278 26.67 12.15 -10.49
C PRO A 278 26.50 11.24 -11.69
N ARG A 279 27.34 10.21 -11.80
CA ARG A 279 27.20 9.19 -12.82
C ARG A 279 25.98 8.32 -12.51
N ARG A 280 25.78 8.01 -11.23
CA ARG A 280 24.68 7.16 -10.79
C ARG A 280 23.94 7.74 -9.59
N ILE A 281 22.62 7.70 -9.66
CA ILE A 281 21.73 8.09 -8.58
C ILE A 281 20.93 6.88 -8.16
N LEU A 282 21.01 6.52 -6.87
CA LEU A 282 20.07 5.57 -6.28
C LEU A 282 18.96 6.36 -5.61
N LEU A 283 17.74 5.83 -5.65
CA LEU A 283 16.60 6.52 -5.09
C LEU A 283 15.76 5.60 -4.21
N GLY A 284 15.37 6.12 -3.05
CA GLY A 284 14.36 5.50 -2.20
C GLY A 284 13.21 6.49 -2.03
N VAL A 285 11.97 6.02 -2.17
CA VAL A 285 10.78 6.84 -1.93
C VAL A 285 9.78 6.04 -1.10
N ASP A 286 9.52 6.50 0.13
CA ASP A 286 8.64 5.76 1.04
C ASP A 286 8.02 6.69 2.07
N ARG A 287 6.86 6.32 2.58
CA ARG A 287 6.47 6.84 3.89
C ARG A 287 7.42 6.25 4.92
N LEU A 288 7.76 7.04 5.95
CA LEU A 288 8.71 6.59 6.94
C LEU A 288 8.04 5.54 7.83
N ASP A 289 8.28 4.28 7.52
CA ASP A 289 7.61 3.17 8.23
C ASP A 289 8.65 2.07 8.41
N TYR A 290 8.60 1.38 9.55
CA TYR A 290 9.55 0.31 9.82
C TYR A 290 9.36 -0.88 8.89
N THR A 291 8.24 -0.92 8.17
CA THR A 291 8.05 -2.00 7.22
C THR A 291 8.87 -1.80 5.93
N LYS A 292 9.38 -0.60 5.71
CA LYS A 292 9.88 -0.24 4.37
C LYS A 292 11.34 -0.58 4.11
N GLY A 293 12.06 -1.02 5.14
CA GLY A 293 13.45 -1.46 4.99
C GLY A 293 14.40 -0.35 4.54
N ILE A 294 14.14 0.87 4.99
CA ILE A 294 15.01 2.00 4.64
C ILE A 294 16.36 1.82 5.32
N ASP A 295 16.34 1.29 6.53
CA ASP A 295 17.57 1.06 7.27
C ASP A 295 18.48 0.08 6.54
N VAL A 296 17.89 -0.93 5.91
CA VAL A 296 18.66 -1.91 5.14
C VAL A 296 19.40 -1.28 3.96
N ARG A 297 18.72 -0.40 3.21
CA ARG A 297 19.37 0.30 2.10
C ARG A 297 20.59 1.07 2.53
N LEU A 298 20.44 1.78 3.66
CA LEU A 298 21.51 2.62 4.16
C LEU A 298 22.68 1.78 4.66
N GLN A 299 22.38 0.69 5.39
CA GLN A 299 23.43 -0.22 5.83
C GLN A 299 24.20 -0.80 4.64
N ALA A 300 23.47 -1.25 3.62
CA ALA A 300 24.12 -1.81 2.44
C ALA A 300 25.00 -0.78 1.73
N PHE A 301 24.48 0.44 1.60
CA PHE A 301 25.22 1.51 0.91
C PHE A 301 26.50 1.85 1.68
N ALA A 302 26.38 1.99 3.01
CA ALA A 302 27.55 2.24 3.87
C ALA A 302 28.62 1.17 3.71
N GLU A 303 28.22 -0.10 3.74
CA GLU A 303 29.21 -1.17 3.68
C GLU A 303 29.85 -1.23 2.28
N LEU A 304 29.07 -0.93 1.24
CA LEU A 304 29.64 -0.88 -0.12
C LEU A 304 30.68 0.24 -0.26
N LEU A 305 30.40 1.38 0.37
CA LEU A 305 31.36 2.49 0.36
C LEU A 305 32.60 2.09 1.15
N ALA A 306 32.41 1.48 2.32
CA ALA A 306 33.53 1.03 3.14
C ALA A 306 34.41 0.05 2.36
N GLU A 307 33.77 -0.80 1.58
CA GLU A 307 34.49 -1.83 0.82
C GLU A 307 35.05 -1.31 -0.52
N GLY A 308 34.77 -0.06 -0.84
CA GLY A 308 35.22 0.53 -2.09
C GLY A 308 34.56 -0.06 -3.33
N ARG A 309 33.39 -0.63 -3.15
CA ARG A 309 32.68 -1.31 -4.25
C ARG A 309 31.70 -0.37 -4.94
N VAL A 310 31.44 0.76 -4.30
CA VAL A 310 30.71 1.86 -4.92
C VAL A 310 31.63 3.07 -4.87
N ASN A 311 31.63 3.88 -5.94
CA ASN A 311 32.51 5.03 -6.03
C ASN A 311 31.90 6.24 -5.34
N ARG A 312 32.51 6.70 -4.25
CA ARG A 312 31.93 7.78 -3.47
C ARG A 312 32.02 9.12 -4.18
N GLU A 313 32.77 9.16 -5.29
CA GLU A 313 32.92 10.40 -6.05
C GLU A 313 31.86 10.58 -7.13
N ASP A 314 31.20 9.51 -7.59
CA ASP A 314 30.24 9.70 -8.69
C ASP A 314 28.91 8.99 -8.49
N THR A 315 28.67 8.51 -7.28
CA THR A 315 27.44 7.78 -6.97
C THR A 315 26.80 8.40 -5.72
N VAL A 316 25.50 8.63 -5.77
CA VAL A 316 24.80 9.29 -4.69
CA VAL A 316 24.79 9.30 -4.70
C VAL A 316 23.46 8.60 -4.45
N PHE A 317 23.04 8.54 -3.18
CA PHE A 317 21.78 7.93 -2.78
C PHE A 317 20.86 9.04 -2.26
N VAL A 318 19.68 9.16 -2.87
CA VAL A 318 18.64 10.09 -2.43
C VAL A 318 17.53 9.29 -1.76
N GLN A 319 17.23 9.59 -0.49
CA GLN A 319 16.09 8.96 0.19
C GLN A 319 15.04 10.01 0.53
N LEU A 320 13.86 9.86 -0.05
CA LEU A 320 12.75 10.76 0.22
C LEU A 320 11.78 10.05 1.15
N ALA A 321 11.76 10.46 2.41
CA ALA A 321 10.87 9.87 3.40
C ALA A 321 9.73 10.82 3.68
N THR A 322 8.51 10.38 3.42
CA THR A 322 7.31 11.15 3.77
C THR A 322 6.95 10.90 5.23
N PRO A 323 6.75 11.97 6.03
CA PRO A 323 6.47 11.83 7.46
C PRO A 323 5.22 11.02 7.68
N SER A 324 5.25 10.13 8.68
CA SER A 324 4.12 9.24 8.89
C SER A 324 3.97 8.91 10.37
N ARG A 325 2.78 9.13 10.90
CA ARG A 325 2.39 8.60 12.21
C ARG A 325 3.31 9.06 13.35
N GLU A 326 3.58 10.36 13.36
CA GLU A 326 4.47 10.99 14.34
C GLU A 326 4.00 10.78 15.78
N ARG A 327 2.69 10.58 15.97
CA ARG A 327 2.15 10.34 17.31
C ARG A 327 2.41 8.91 17.82
N VAL A 328 2.94 8.04 16.96
CA VAL A 328 3.24 6.67 17.35
C VAL A 328 4.73 6.52 17.67
N GLU A 329 5.05 6.10 18.90
CA GLU A 329 6.43 6.10 19.38
C GLU A 329 7.42 5.32 18.50
N ALA A 330 6.98 4.16 18.01
CA ALA A 330 7.84 3.33 17.17
C ALA A 330 8.36 4.09 15.95
N TYR A 331 7.54 5.03 15.46
CA TYR A 331 7.91 5.77 14.26
C TYR A 331 8.93 6.87 14.57
N ARG A 332 8.83 7.45 15.77
CA ARG A 332 9.80 8.45 16.20
C ARG A 332 11.16 7.82 16.41
N LEU A 333 11.18 6.63 17.00
CA LEU A 333 12.43 5.88 17.20
C LEU A 333 13.06 5.46 15.87
N LEU A 334 12.22 5.04 14.94
CA LEU A 334 12.71 4.67 13.62
C LEU A 334 13.36 5.87 12.93
N ARG A 335 12.72 7.03 13.04
CA ARG A 335 13.23 8.25 12.42
C ARG A 335 14.62 8.57 12.98
N ASP A 336 14.76 8.40 14.28
CA ASP A 336 16.04 8.62 14.96
C ASP A 336 17.14 7.71 14.41
N ASP A 337 16.85 6.43 14.20
CA ASP A 337 17.86 5.50 13.72
CA ASP A 337 17.89 5.52 13.71
C ASP A 337 18.27 5.80 12.27
N ILE A 338 17.29 6.11 11.45
CA ILE A 338 17.58 6.40 10.04
C ILE A 338 18.40 7.68 9.92
N GLU A 339 18.05 8.68 10.73
CA GLU A 339 18.73 9.98 10.65
C GLU A 339 20.17 9.84 11.16
N ARG A 340 20.38 8.97 12.14
CA ARG A 340 21.74 8.65 12.57
C ARG A 340 22.57 8.03 11.45
N GLN A 341 21.98 7.07 10.72
CA GLN A 341 22.67 6.43 9.61
C GLN A 341 23.07 7.43 8.55
N VAL A 342 22.17 8.36 8.28
CA VAL A 342 22.44 9.38 7.26
C VAL A 342 23.64 10.24 7.65
N GLY A 343 23.59 10.78 8.87
CA GLY A 343 24.66 11.59 9.40
C GLY A 343 25.98 10.83 9.41
N HIS A 344 25.93 9.58 9.83
CA HIS A 344 27.12 8.75 9.91
C HIS A 344 27.78 8.52 8.54
N ILE A 345 26.98 8.13 7.56
CA ILE A 345 27.51 7.78 6.24
C ILE A 345 28.11 9.01 5.57
N ASN A 346 27.46 10.15 5.69
CA ASN A 346 28.02 11.37 5.12
C ASN A 346 29.30 11.81 5.85
N GLY A 347 29.32 11.65 7.17
CA GLY A 347 30.50 12.03 7.94
C GLY A 347 31.71 11.19 7.54
N GLU A 348 31.46 9.96 7.14
CA GLU A 348 32.51 8.99 6.83
C GLU A 348 32.96 9.04 5.38
N TYR A 349 32.03 9.25 4.44
CA TYR A 349 32.33 9.13 3.01
C TYR A 349 32.06 10.36 2.16
N GLY A 350 31.40 11.35 2.74
CA GLY A 350 31.15 12.59 2.00
C GLY A 350 32.35 13.53 1.96
N GLU A 351 32.15 14.65 1.28
CA GLU A 351 33.08 15.76 1.29
C GLU A 351 32.26 16.99 1.58
N VAL A 352 32.90 18.05 2.04
CA VAL A 352 32.19 19.31 2.24
C VAL A 352 31.69 19.80 0.89
N GLY A 353 30.39 20.06 0.83
CA GLY A 353 29.75 20.43 -0.41
C GLY A 353 29.30 19.24 -1.24
N HIS A 354 29.55 18.03 -0.75
CA HIS A 354 29.17 16.83 -1.49
C HIS A 354 28.89 15.61 -0.60
N PRO A 355 27.65 15.51 -0.11
CA PRO A 355 27.24 14.30 0.62
C PRO A 355 27.11 13.10 -0.33
N VAL A 356 27.18 11.89 0.20
CA VAL A 356 26.86 10.72 -0.61
C VAL A 356 25.41 10.31 -0.39
N VAL A 357 24.79 10.84 0.67
CA VAL A 357 23.38 10.57 0.91
C VAL A 357 22.60 11.85 1.10
N HIS A 358 21.55 12.04 0.31
CA HIS A 358 20.64 13.18 0.47
C HIS A 358 19.33 12.65 1.00
N TYR A 359 18.91 13.18 2.14
CA TYR A 359 17.75 12.65 2.84
C TYR A 359 16.79 13.79 3.12
N LEU A 360 15.52 13.62 2.74
CA LEU A 360 14.52 14.63 3.00
C LEU A 360 13.34 13.98 3.72
N HIS A 361 12.94 14.61 4.82
CA HIS A 361 11.82 14.13 5.62
C HIS A 361 10.68 15.14 5.49
N ARG A 362 9.89 14.99 4.44
CA ARG A 362 8.80 15.93 4.17
C ARG A 362 7.93 15.38 3.06
N PRO A 363 6.68 15.87 2.96
CA PRO A 363 5.84 15.43 1.83
C PRO A 363 6.45 15.93 0.53
N VAL A 364 6.26 15.18 -0.55
CA VAL A 364 6.79 15.59 -1.84
C VAL A 364 5.68 15.65 -2.89
N PRO A 365 5.56 16.78 -3.60
CA PRO A 365 4.53 16.88 -4.65
C PRO A 365 4.71 15.75 -5.67
N ARG A 366 3.60 15.25 -6.18
CA ARG A 366 3.63 14.12 -7.08
CA ARG A 366 3.59 14.14 -7.12
C ARG A 366 4.48 14.39 -8.33
N GLU A 367 4.46 15.61 -8.86
CA GLU A 367 5.22 15.91 -10.06
CA GLU A 367 5.22 15.93 -10.06
C GLU A 367 6.72 15.91 -9.79
N GLU A 368 7.10 16.25 -8.56
CA GLU A 368 8.49 16.19 -8.14
C GLU A 368 8.94 14.73 -7.99
N LEU A 369 8.07 13.89 -7.43
CA LEU A 369 8.33 12.47 -7.30
CA LEU A 369 8.38 12.48 -7.29
C LEU A 369 8.59 11.83 -8.67
N ILE A 370 7.73 12.14 -9.62
CA ILE A 370 7.87 11.58 -10.96
C ILE A 370 9.20 12.02 -11.59
N ALA A 371 9.59 13.28 -11.37
CA ALA A 371 10.87 13.75 -11.86
C ALA A 371 12.03 12.96 -11.24
N PHE A 372 11.91 12.63 -9.96
CA PHE A 372 12.93 11.79 -9.31
C PHE A 372 12.98 10.38 -9.89
N PHE A 373 11.81 9.78 -10.16
CA PHE A 373 11.78 8.46 -10.81
C PHE A 373 12.55 8.52 -12.14
N VAL A 374 12.32 9.59 -12.90
CA VAL A 374 12.93 9.75 -14.21
C VAL A 374 14.44 9.95 -14.09
N ALA A 375 14.88 10.63 -13.03
CA ALA A 375 16.31 10.88 -12.84
C ALA A 375 17.07 9.66 -12.28
N ALA A 376 16.39 8.79 -11.55
CA ALA A 376 17.07 7.75 -10.79
C ALA A 376 17.56 6.56 -11.63
N ASP A 377 18.86 6.25 -11.54
CA ASP A 377 19.42 5.07 -12.22
C ASP A 377 19.07 3.74 -11.55
N VAL A 378 18.91 3.77 -10.23
CA VAL A 378 18.55 2.57 -9.49
C VAL A 378 17.47 2.94 -8.48
N MET A 379 16.35 2.24 -8.57
CA MET A 379 15.25 2.44 -7.63
C MET A 379 15.36 1.38 -6.54
N LEU A 380 15.49 1.82 -5.28
CA LEU A 380 15.62 0.89 -4.16
C LEU A 380 14.30 0.73 -3.42
N VAL A 381 13.62 -0.40 -3.64
CA VAL A 381 12.36 -0.66 -2.96
C VAL A 381 12.56 -1.94 -2.14
N THR A 382 12.99 -1.77 -0.89
CA THR A 382 13.43 -2.92 -0.08
C THR A 382 12.64 -3.19 1.21
N PRO A 383 11.30 -3.16 1.15
CA PRO A 383 10.53 -3.45 2.37
C PRO A 383 10.80 -4.82 3.00
N LEU A 384 10.76 -4.83 4.33
CA LEU A 384 10.77 -6.08 5.09
C LEU A 384 9.48 -6.87 4.87
N ARG A 385 8.39 -6.14 4.66
CA ARG A 385 7.08 -6.74 4.42
C ARG A 385 6.15 -5.65 3.89
N ASP A 386 5.49 -5.88 2.76
CA ASP A 386 4.62 -4.87 2.16
C ASP A 386 3.48 -5.54 1.40
N GLY A 387 2.26 -5.02 1.54
CA GLY A 387 1.10 -5.61 0.86
C GLY A 387 1.31 -5.71 -0.63
N MET A 388 1.61 -4.58 -1.27
CA MET A 388 1.91 -4.63 -2.69
C MET A 388 3.17 -3.82 -2.96
N ASN A 389 3.07 -2.52 -2.67
CA ASN A 389 4.05 -1.48 -2.97
C ASN A 389 3.90 -0.98 -4.41
N LEU A 390 3.23 0.16 -4.55
CA LEU A 390 2.95 0.73 -5.86
C LEU A 390 4.09 1.63 -6.34
N VAL A 391 4.97 2.03 -5.45
CA VAL A 391 6.13 2.83 -5.86
C VAL A 391 6.98 2.07 -6.88
N ALA A 392 7.15 0.76 -6.66
CA ALA A 392 7.88 -0.06 -7.62
C ALA A 392 7.24 -0.03 -9.00
N LYS A 393 5.91 -0.15 -9.04
CA LYS A 393 5.20 -0.13 -10.33
C LYS A 393 5.21 1.25 -10.95
N GLU A 394 5.16 2.30 -10.12
CA GLU A 394 5.19 3.67 -10.65
C GLU A 394 6.52 3.98 -11.31
N TYR A 395 7.62 3.56 -10.69
CA TYR A 395 8.94 3.76 -11.29
C TYR A 395 9.01 3.13 -12.67
N VAL A 396 8.54 1.88 -12.76
CA VAL A 396 8.50 1.15 -14.03
C VAL A 396 7.69 1.88 -15.11
N ALA A 397 6.49 2.33 -14.73
CA ALA A 397 5.63 3.04 -15.67
C ALA A 397 6.26 4.36 -16.15
N CYS A 398 7.11 4.96 -15.31
CA CYS A 398 7.75 6.24 -15.70
C CYS A 398 8.92 6.08 -16.66
N ARG A 399 9.54 4.90 -16.69
CA ARG A 399 10.77 4.75 -17.46
C ARG A 399 10.50 4.23 -18.89
N SER A 400 9.73 5.02 -19.65
CA SER A 400 9.46 4.67 -21.05
C SER A 400 10.71 4.84 -21.91
N ASP A 401 11.72 5.50 -21.36
CA ASP A 401 13.04 5.58 -22.01
C ASP A 401 13.80 4.24 -21.87
N LEU A 402 13.23 3.34 -21.08
CA LEU A 402 13.79 2.02 -20.76
C LEU A 402 15.09 2.07 -19.97
N GLY A 403 15.42 3.25 -19.44
CA GLY A 403 16.58 3.37 -18.57
C GLY A 403 16.22 2.95 -17.16
N GLY A 404 17.21 2.96 -16.26
CA GLY A 404 16.95 2.65 -14.85
C GLY A 404 17.05 1.18 -14.50
N ALA A 405 16.83 0.90 -13.23
CA ALA A 405 16.90 -0.46 -12.70
C ALA A 405 16.11 -0.50 -11.41
N LEU A 406 15.34 -1.57 -11.24
CA LEU A 406 14.52 -1.71 -10.03
C LEU A 406 15.11 -2.82 -9.15
N VAL A 407 15.49 -2.45 -7.93
CA VAL A 407 15.91 -3.41 -6.92
C VAL A 407 14.71 -3.56 -5.99
N LEU A 408 14.19 -4.78 -5.89
CA LEU A 408 12.90 -5.00 -5.24
C LEU A 408 12.93 -6.14 -4.23
N SER A 409 12.46 -5.86 -3.01
CA SER A 409 12.34 -6.92 -2.01
C SER A 409 11.34 -8.01 -2.42
N GLU A 410 11.73 -9.27 -2.21
CA GLU A 410 10.83 -10.43 -2.37
C GLU A 410 9.60 -10.34 -1.47
N PHE A 411 9.70 -9.57 -0.38
CA PHE A 411 8.66 -9.57 0.65
C PHE A 411 7.63 -8.48 0.36
N THR A 412 7.41 -8.23 -0.93
CA THR A 412 6.36 -7.32 -1.35
C THR A 412 5.41 -8.08 -2.24
N GLY A 413 4.16 -7.67 -2.28
CA GLY A 413 3.24 -8.22 -3.27
C GLY A 413 3.77 -7.99 -4.68
N ALA A 414 4.45 -6.87 -4.88
CA ALA A 414 4.91 -6.50 -6.22
C ALA A 414 5.90 -7.53 -6.79
N ALA A 415 6.66 -8.18 -5.92
CA ALA A 415 7.67 -9.15 -6.35
C ALA A 415 7.06 -10.36 -7.07
N ALA A 416 5.78 -10.64 -6.84
CA ALA A 416 5.10 -11.74 -7.54
C ALA A 416 4.84 -11.43 -9.01
N GLU A 417 4.81 -10.15 -9.35
CA GLU A 417 4.54 -9.71 -10.73
C GLU A 417 5.77 -9.14 -11.43
N LEU A 418 6.70 -8.63 -10.64
CA LEU A 418 7.85 -7.91 -11.20
C LEU A 418 9.12 -8.73 -11.10
N GLY A 419 9.03 -9.99 -11.52
CA GLY A 419 10.15 -10.94 -11.44
C GLY A 419 11.38 -10.55 -12.22
N GLN A 420 11.21 -9.68 -13.22
CA GLN A 420 12.33 -9.21 -14.03
C GLN A 420 13.18 -8.15 -13.33
N ALA A 421 12.69 -7.64 -12.21
CA ALA A 421 13.47 -6.72 -11.39
C ALA A 421 14.65 -7.47 -10.76
N TYR A 422 15.55 -6.73 -10.11
CA TYR A 422 16.59 -7.34 -9.30
C TYR A 422 15.99 -7.66 -7.93
N LEU A 423 15.57 -8.90 -7.73
CA LEU A 423 14.88 -9.28 -6.50
C LEU A 423 15.87 -9.57 -5.38
N VAL A 424 15.54 -9.14 -4.16
CA VAL A 424 16.44 -9.38 -3.04
C VAL A 424 15.67 -9.82 -1.81
N ASN A 425 16.31 -10.66 -1.02
CA ASN A 425 15.88 -10.91 0.36
C ASN A 425 16.56 -9.84 1.22
N PRO A 426 15.79 -8.87 1.74
CA PRO A 426 16.41 -7.77 2.48
C PRO A 426 17.17 -8.23 3.75
N HIS A 427 16.88 -9.44 4.22
CA HIS A 427 17.58 -10.00 5.38
C HIS A 427 18.94 -10.56 4.97
N ASN A 428 19.11 -10.79 3.67
CA ASN A 428 20.39 -11.29 3.15
C ASN A 428 21.22 -10.09 2.72
N LEU A 429 21.89 -9.46 3.68
CA LEU A 429 22.56 -8.19 3.38
C LEU A 429 23.68 -8.36 2.34
N ASP A 430 24.40 -9.47 2.39
CA ASP A 430 25.44 -9.76 1.39
C ASP A 430 24.88 -9.70 -0.03
N HIS A 431 23.70 -10.31 -0.22
CA HIS A 431 23.10 -10.33 -1.55
C HIS A 431 22.46 -8.99 -1.92
N VAL A 432 21.94 -8.26 -0.93
CA VAL A 432 21.47 -6.90 -1.20
C VAL A 432 22.62 -6.06 -1.74
N LYS A 433 23.77 -6.16 -1.09
CA LYS A 433 24.96 -5.42 -1.53
C LYS A 433 25.42 -5.84 -2.93
N ASP A 434 25.51 -7.15 -3.16
CA ASP A 434 25.87 -7.66 -4.50
C ASP A 434 24.91 -7.15 -5.56
N THR A 435 23.62 -7.11 -5.21
CA THR A 435 22.59 -6.71 -6.15
C THR A 435 22.64 -5.22 -6.48
N MET A 436 22.86 -4.38 -5.47
CA MET A 436 23.03 -2.95 -5.73
C MET A 436 24.21 -2.69 -6.65
N VAL A 437 25.31 -3.40 -6.46
CA VAL A 437 26.46 -3.26 -7.37
C VAL A 437 26.09 -3.68 -8.79
N ALA A 438 25.34 -4.78 -8.89
CA ALA A 438 24.91 -5.30 -10.18
C ALA A 438 24.01 -4.29 -10.90
N ALA A 439 23.03 -3.74 -10.19
CA ALA A 439 22.12 -2.75 -10.76
C ALA A 439 22.85 -1.48 -11.21
N LEU A 440 23.80 -1.04 -10.40
CA LEU A 440 24.57 0.17 -10.71
C LEU A 440 25.47 0.00 -11.92
N ASN A 441 25.90 -1.23 -12.17
CA ASN A 441 26.85 -1.47 -13.24
C ASN A 441 26.32 -2.30 -14.41
N GLN A 442 25.01 -2.46 -14.48
CA GLN A 442 24.40 -3.26 -15.55
C GLN A 442 24.76 -2.68 -16.91
N THR A 443 24.85 -3.53 -17.93
CA THR A 443 25.01 -3.00 -19.30
C THR A 443 23.73 -2.28 -19.70
N PRO A 444 23.83 -1.31 -20.63
CA PRO A 444 22.62 -0.66 -21.14
C PRO A 444 21.60 -1.67 -21.69
N GLU A 445 22.07 -2.65 -22.43
CA GLU A 445 21.16 -3.64 -23.04
C GLU A 445 20.43 -4.48 -21.98
N GLU A 446 21.17 -4.95 -20.99
CA GLU A 446 20.52 -5.76 -19.95
C GLU A 446 19.50 -4.93 -19.17
N GLY A 447 19.84 -3.68 -18.88
CA GLY A 447 18.91 -2.80 -18.19
C GLY A 447 17.62 -2.65 -19.00
N ARG A 448 17.77 -2.43 -20.31
CA ARG A 448 16.62 -2.25 -21.18
C ARG A 448 15.78 -3.50 -21.26
N ARG A 449 16.43 -4.66 -21.35
CA ARG A 449 15.71 -5.93 -21.40
C ARG A 449 14.78 -6.07 -20.19
N ARG A 450 15.31 -5.79 -19.01
CA ARG A 450 14.53 -5.93 -17.78
C ARG A 450 13.40 -4.91 -17.74
N MET A 451 13.69 -3.66 -18.09
CA MET A 451 12.70 -2.60 -17.98
C MET A 451 11.60 -2.80 -19.00
N ARG A 452 11.98 -3.26 -20.19
CA ARG A 452 11.00 -3.58 -21.22
C ARG A 452 10.02 -4.66 -20.74
N ALA A 453 10.55 -5.71 -20.14
CA ALA A 453 9.69 -6.78 -19.63
C ALA A 453 8.82 -6.31 -18.45
N LEU A 454 9.38 -5.51 -17.55
CA LEU A 454 8.60 -5.00 -16.41
C LEU A 454 7.46 -4.11 -16.90
N ARG A 455 7.74 -3.28 -17.90
CA ARG A 455 6.74 -2.38 -18.42
C ARG A 455 5.60 -3.13 -19.12
N ARG A 456 5.93 -4.19 -19.84
CA ARG A 456 4.90 -5.01 -20.47
C ARG A 456 3.90 -5.52 -19.42
N GLN A 457 4.42 -5.95 -18.28
CA GLN A 457 3.58 -6.46 -17.19
C GLN A 457 2.73 -5.34 -16.60
N VAL A 458 3.38 -4.24 -16.26
CA VAL A 458 2.70 -3.15 -15.55
C VAL A 458 1.71 -2.41 -16.47
N LEU A 459 2.05 -2.24 -17.74
CA LEU A 459 1.11 -1.61 -18.67
C LEU A 459 -0.13 -2.47 -18.89
N ALA A 460 0.02 -3.80 -18.84
CA ALA A 460 -1.09 -4.69 -19.10
C ALA A 460 -1.93 -4.94 -17.84
N HIS A 461 -1.29 -4.87 -16.68
CA HIS A 461 -1.99 -5.19 -15.44
C HIS A 461 -2.09 -3.93 -14.59
N ASP A 462 -3.12 -3.13 -14.87
CA ASP A 462 -3.27 -1.82 -14.25
C ASP A 462 -4.41 -1.83 -13.23
N VAL A 463 -4.73 -0.66 -12.68
CA VAL A 463 -5.71 -0.59 -11.59
C VAL A 463 -7.12 -0.88 -12.14
N ASP A 464 -7.32 -0.59 -13.42
CA ASP A 464 -8.59 -0.89 -14.06
C ASP A 464 -8.85 -2.39 -14.11
N LEU A 465 -7.84 -3.17 -14.49
CA LEU A 465 -7.98 -4.62 -14.54
C LEU A 465 -8.29 -5.15 -13.14
N TRP A 466 -7.56 -4.62 -12.16
CA TRP A 466 -7.74 -5.03 -10.78
C TRP A 466 -9.17 -4.80 -10.28
N ALA A 467 -9.65 -3.57 -10.44
CA ALA A 467 -10.97 -3.19 -9.93
C ALA A 467 -12.09 -3.95 -10.64
N ARG A 468 -11.97 -4.13 -11.95
CA ARG A 468 -12.98 -4.89 -12.69
C ARG A 468 -13.00 -6.36 -12.24
N SER A 469 -11.82 -6.92 -11.99
N SER A 469 -11.82 -6.93 -12.01
CA SER A 469 -11.72 -8.33 -11.57
CA SER A 469 -11.72 -8.33 -11.57
C SER A 469 -12.39 -8.56 -10.22
C SER A 469 -12.40 -8.55 -10.22
N PHE A 470 -12.16 -7.64 -9.29
CA PHE A 470 -12.76 -7.75 -7.96
C PHE A 470 -14.27 -7.57 -8.04
N LEU A 471 -14.71 -6.58 -8.80
CA LEU A 471 -16.15 -6.32 -8.88
C LEU A 471 -16.89 -7.40 -9.65
N ASP A 472 -16.24 -8.00 -10.66
CA ASP A 472 -16.84 -9.13 -11.36
C ASP A 472 -17.03 -10.31 -10.40
N ALA A 473 -16.00 -10.59 -9.59
CA ALA A 473 -16.06 -11.66 -8.60
C ALA A 473 -17.16 -11.40 -7.58
N LEU A 474 -17.26 -10.15 -7.14
CA LEU A 474 -18.28 -9.78 -6.16
C LEU A 474 -19.68 -9.91 -6.75
N ALA A 475 -19.85 -9.41 -7.98
CA ALA A 475 -21.15 -9.50 -8.65
C ALA A 475 -21.59 -10.94 -8.82
N SER A 476 -20.63 -11.85 -8.97
CA SER A 476 -20.96 -13.25 -9.22
CA SER A 476 -20.94 -13.25 -9.21
C SER A 476 -21.48 -13.94 -7.96
N THR A 477 -21.34 -13.29 -6.81
CA THR A 477 -21.88 -13.87 -5.58
C THR A 477 -23.39 -13.69 -5.51
N ARG A 478 -23.93 -12.88 -6.41
CA ARG A 478 -25.38 -12.74 -6.51
C ARG A 478 -26.00 -13.89 -7.29
C1 GLC B . -1.84 2.19 1.23
C2 GLC B . -1.24 3.51 0.84
C3 GLC B . -0.31 3.98 1.89
C4 GLC B . -0.97 4.10 3.18
C5 GLC B . -1.73 2.86 3.59
C6 GLC B . -2.67 3.20 4.71
O2 GLC B . -0.54 3.36 -0.40
O3 GLC B . 0.21 5.30 1.50
O4 GLC B . 0.05 4.37 4.21
O5 GLC B . -2.54 2.28 2.52
O6 GLC B . -2.01 2.82 5.87
C1 GLC B . -1.37 -0.10 1.39
C2 GLC B . -0.28 -1.13 1.46
C3 GLC B . 0.56 -1.12 0.21
C4 GLC B . -0.27 -1.22 -1.05
C5 GLC B . -1.41 -0.24 -1.06
C6 GLC B . -2.34 -0.43 -2.19
O1 GLC B . -0.81 1.20 1.31
O2 GLC B . 0.51 -0.84 2.65
O3 GLC B . 1.50 -2.22 0.20
O4 GLC B . 0.57 -0.95 -2.19
O5 GLC B . -2.21 -0.33 0.19
O6 GLC B . -3.04 -1.61 -2.01
C3' NHE C . 11.68 -17.33 -3.00
C2' NHE C . 11.12 -16.15 -2.25
C1' NHE C . 9.69 -16.37 -1.74
C6' NHE C . 8.77 -17.08 -2.71
N NHE C . 9.09 -15.11 -1.35
C1 NHE C . 9.71 -14.72 -0.10
C2 NHE C . 8.84 -13.71 0.67
S NHE C . 7.33 -14.49 1.31
O1 NHE C . 6.16 -13.59 0.97
O2 NHE C . 6.94 -15.77 0.60
O3 NHE C . 7.42 -14.69 2.81
C5' NHE C . 9.40 -18.30 -3.35
C4' NHE C . 10.80 -18.56 -2.91
C3' NHE D . 5.81 8.15 -0.53
C2' NHE D . 5.11 7.03 -1.24
C1' NHE D . 3.60 7.21 -1.27
C6' NHE D . 3.19 8.57 -1.78
N NHE D . 3.01 6.20 -2.14
C1 NHE D . 2.82 4.94 -1.47
C2 NHE D . 2.15 3.92 -2.43
S NHE D . 2.40 2.23 -1.80
O1 NHE D . 1.48 1.27 -2.52
O2 NHE D . 3.86 1.83 -2.02
O3 NHE D . 2.20 2.24 -0.30
C5' NHE D . 3.95 9.72 -1.13
C4' NHE D . 5.44 9.50 -1.12
C1 EDO E . -18.02 -6.54 17.37
O1 EDO E . -19.41 -6.84 17.20
C2 EDO E . -17.31 -7.71 18.03
O2 EDO E . -17.80 -7.88 19.37
C1 EDO F . 15.95 -4.24 -25.19
O1 EDO F . 15.18 -4.65 -26.32
C2 EDO F . 17.13 -5.18 -25.01
O2 EDO F . 16.66 -6.52 -24.78
C1 EDO G . -6.93 1.53 -18.68
O1 EDO G . -6.97 0.12 -18.94
C2 EDO G . -8.26 2.00 -18.12
O2 EDO G . -8.10 3.31 -17.55
C1 EDO H . 2.41 3.84 6.52
O1 EDO H . 3.39 4.65 7.17
C2 EDO H . 3.05 3.01 5.41
O2 EDO H . 2.84 3.64 4.14
C1 EDO I . 10.68 8.76 -20.04
O1 EDO I . 11.20 9.24 -21.29
C2 EDO I . 10.90 9.82 -18.96
O2 EDO I . 10.57 11.11 -19.48
C1 EDO J . 25.24 2.60 8.57
O1 EDO J . 24.08 1.90 9.02
C2 EDO J . 26.40 2.33 9.53
O2 EDO J . 26.06 2.78 10.84
C1 EDO K . 7.60 10.13 12.59
O1 EDO K . 8.00 11.51 12.68
C2 EDO K . 8.03 9.56 11.24
O2 EDO K . 7.74 10.49 10.18
C1 EDO L . 24.25 -12.15 4.84
O1 EDO L . 24.65 -10.78 4.89
C2 EDO L . 23.35 -12.37 6.04
O2 EDO L . 22.62 -11.16 6.26
#